data_7UCC
#
_entry.id   7UCC
#
_cell.length_a   47.939
_cell.length_b   70.244
_cell.length_c   122.170
_cell.angle_alpha   90.000
_cell.angle_beta   90.000
_cell.angle_gamma   90.000
#
_symmetry.space_group_name_H-M   'I 2 2 2'
#
loop_
_entity.id
_entity.type
_entity.pdbx_description
1 polymer 'Protein fosB'
2 polymer 'Transcription factor jun-D'
3 non-polymer 'CHLORIDE ION'
4 non-polymer ETHANOL
5 non-polymer 'SODIUM ION'
6 water water
#
loop_
_entity_poly.entity_id
_entity_poly.type
_entity_poly.pdbx_seq_one_letter_code
_entity_poly.pdbx_strand_id
1 'polypeptide(L)' SEEEEKRRVRRERNKLAAAKCRNRRRELTDRLQAETDQLEEEKAELESEIAELQKEKERLEFVLVAHK F
2 'polypeptide(L)' SQERIKAERKRLRNRIAASKCRKRKLERISRLEEKVKTLKSQNTELASTASLLREQVAQLKQKVLSHV J
#
loop_
_chem_comp.id
_chem_comp.type
_chem_comp.name
_chem_comp.formula
CL non-polymer 'CHLORIDE ION' 'Cl -1'
EOH non-polymer ETHANOL 'C2 H6 O'
NA non-polymer 'SODIUM ION' 'Na 1'
#
# COMPACT_ATOMS: atom_id res chain seq x y z
N GLU A 3 21.81 -39.70 -18.73
CA GLU A 3 20.96 -40.83 -18.39
C GLU A 3 19.91 -40.38 -17.38
N GLU A 4 20.34 -40.15 -16.14
CA GLU A 4 19.54 -39.47 -15.13
C GLU A 4 19.69 -37.96 -15.21
N GLU A 5 20.44 -37.45 -16.20
CA GLU A 5 20.51 -36.02 -16.47
C GLU A 5 19.18 -35.44 -16.93
N LYS A 6 18.23 -36.31 -17.30
CA LYS A 6 16.83 -35.90 -17.42
C LYS A 6 16.35 -35.22 -16.14
N ARG A 7 16.68 -35.79 -14.98
CA ARG A 7 16.32 -35.19 -13.70
C ARG A 7 17.04 -33.86 -13.47
N ARG A 8 18.25 -33.72 -14.03
CA ARG A 8 18.98 -32.45 -13.90
C ARG A 8 18.32 -31.34 -14.68
N VAL A 9 17.97 -31.60 -15.94
CA VAL A 9 17.29 -30.58 -16.72
C VAL A 9 15.97 -30.24 -16.06
N ARG A 10 15.25 -31.24 -15.55
CA ARG A 10 13.95 -30.97 -14.96
C ARG A 10 14.07 -30.11 -13.71
N ARG A 11 15.10 -30.36 -12.89
CA ARG A 11 15.26 -29.53 -11.71
C ARG A 11 15.69 -28.11 -12.08
N GLU A 12 16.58 -27.95 -13.08
CA GLU A 12 16.93 -26.59 -13.51
C GLU A 12 15.69 -25.84 -14.04
N ARG A 13 14.86 -26.55 -14.79
CA ARG A 13 13.67 -25.93 -15.31
C ARG A 13 12.70 -25.60 -14.19
N ASN A 14 12.59 -26.48 -13.19
CA ASN A 14 11.67 -26.19 -12.11
C ASN A 14 12.14 -24.94 -11.40
N LYS A 15 13.45 -24.79 -11.26
CA LYS A 15 13.96 -23.67 -10.51
C LYS A 15 13.79 -22.38 -11.29
N LEU A 16 13.90 -22.45 -12.61
CA LEU A 16 13.59 -21.28 -13.44
C LEU A 16 12.11 -20.90 -13.39
N ALA A 17 11.22 -21.90 -13.42
CA ALA A 17 9.79 -21.56 -13.36
C ALA A 17 9.45 -20.92 -12.02
N ALA A 18 10.01 -21.47 -10.95
CA ALA A 18 9.86 -20.84 -9.64
C ALA A 18 10.37 -19.42 -9.66
N ALA A 19 11.56 -19.19 -10.25
CA ALA A 19 12.10 -17.84 -10.25
C ALA A 19 11.24 -16.87 -11.05
N LYS A 20 10.67 -17.31 -12.17
CA LYS A 20 9.79 -16.40 -12.90
C LYS A 20 8.52 -16.11 -12.10
N CYS A 21 8.01 -17.11 -11.38
CA CYS A 21 6.81 -16.87 -10.62
C CYS A 21 7.10 -15.89 -9.46
N ARG A 22 8.27 -16.03 -8.84
N ARG A 22 8.27 -16.05 -8.84
CA ARG A 22 8.64 -15.10 -7.78
CA ARG A 22 8.71 -15.13 -7.80
C ARG A 22 8.86 -13.70 -8.33
C ARG A 22 8.85 -13.72 -8.33
N ASN A 23 9.35 -13.58 -9.56
CA ASN A 23 9.47 -12.26 -10.14
C ASN A 23 8.12 -11.67 -10.48
N ARG A 24 7.12 -12.48 -10.86
CA ARG A 24 5.79 -11.92 -11.05
C ARG A 24 5.19 -11.49 -9.71
N ARG A 25 5.44 -12.27 -8.67
CA ARG A 25 4.94 -11.91 -7.36
C ARG A 25 5.55 -10.59 -6.93
N ARG A 26 6.86 -10.45 -7.14
CA ARG A 26 7.54 -9.22 -6.76
C ARG A 26 7.07 -8.04 -7.58
N GLU A 27 6.75 -8.25 -8.87
CA GLU A 27 6.13 -7.15 -9.62
C GLU A 27 4.90 -6.63 -8.92
N LEU A 28 4.04 -7.55 -8.51
CA LEU A 28 2.80 -7.14 -7.89
C LEU A 28 3.05 -6.44 -6.57
N THR A 29 3.85 -7.05 -5.70
CA THR A 29 4.04 -6.45 -4.38
C THR A 29 4.84 -5.15 -4.49
N ASP A 30 5.81 -5.06 -5.40
CA ASP A 30 6.53 -3.80 -5.59
C ASP A 30 5.57 -2.71 -6.09
N ARG A 31 4.68 -3.02 -7.03
CA ARG A 31 3.73 -1.99 -7.47
C ARG A 31 2.89 -1.51 -6.30
N LEU A 32 2.34 -2.45 -5.53
CA LEU A 32 1.50 -2.11 -4.40
C LEU A 32 2.26 -1.34 -3.34
N GLN A 33 3.51 -1.72 -3.11
CA GLN A 33 4.32 -1.04 -2.10
C GLN A 33 4.62 0.38 -2.52
N ALA A 34 4.92 0.58 -3.80
CA ALA A 34 5.18 1.91 -4.31
C ALA A 34 3.93 2.78 -4.26
N GLU A 35 2.78 2.22 -4.64
N GLU A 35 2.77 2.23 -4.64
CA GLU A 35 1.53 2.96 -4.48
CA GLU A 35 1.53 2.99 -4.48
C GLU A 35 1.34 3.38 -3.03
C GLU A 35 1.35 3.40 -3.02
N THR A 36 1.68 2.48 -2.10
CA THR A 36 1.49 2.73 -0.68
C THR A 36 2.41 3.84 -0.21
N ASP A 37 3.66 3.80 -0.65
CA ASP A 37 4.60 4.86 -0.33
C ASP A 37 4.07 6.20 -0.83
N GLN A 38 3.58 6.23 -2.07
CA GLN A 38 3.11 7.46 -2.63
C GLN A 38 1.94 8.00 -1.84
N LEU A 39 1.00 7.11 -1.49
CA LEU A 39 -0.18 7.51 -0.75
C LEU A 39 0.18 7.99 0.66
N GLU A 40 1.20 7.42 1.27
CA GLU A 40 1.63 7.87 2.60
C GLU A 40 2.24 9.26 2.54
N GLU A 41 3.00 9.54 1.49
CA GLU A 41 3.54 10.88 1.32
C GLU A 41 2.43 11.89 1.09
N GLU A 42 1.47 11.54 0.24
CA GLU A 42 0.39 12.46 -0.05
C GLU A 42 -0.49 12.68 1.18
N LYS A 43 -0.64 11.65 2.01
CA LYS A 43 -1.37 11.80 3.27
C LYS A 43 -0.67 12.79 4.17
N ALA A 44 0.64 12.62 4.34
CA ALA A 44 1.40 13.57 5.15
C ALA A 44 1.23 15.00 4.66
N GLU A 45 1.33 15.18 3.35
CA GLU A 45 1.17 16.52 2.79
C GLU A 45 -0.20 17.09 3.12
N LEU A 46 -1.23 16.26 3.03
CA LEU A 46 -2.57 16.73 3.29
C LEU A 46 -2.77 17.07 4.76
N GLU A 47 -2.13 16.30 5.64
CA GLU A 47 -2.22 16.59 7.08
C GLU A 47 -1.55 17.91 7.41
N SER A 48 -0.39 18.13 6.80
CA SER A 48 0.32 19.38 6.99
C SER A 48 -0.49 20.55 6.46
N GLU A 49 -1.03 20.42 5.24
CA GLU A 49 -1.85 21.48 4.68
C GLU A 49 -3.03 21.81 5.57
N ILE A 50 -3.74 20.79 6.02
CA ILE A 50 -4.88 21.01 6.90
C ILE A 50 -4.46 21.76 8.15
N ALA A 51 -3.30 21.42 8.70
CA ALA A 51 -2.84 22.12 9.89
C ALA A 51 -2.60 23.58 9.61
N GLU A 52 -1.95 23.87 8.50
CA GLU A 52 -1.68 25.27 8.17
C GLU A 52 -2.98 26.06 7.91
N LEU A 53 -3.89 25.46 7.15
CA LEU A 53 -5.15 26.10 6.83
C LEU A 53 -5.97 26.36 8.08
N GLN A 54 -5.94 25.44 9.04
CA GLN A 54 -6.72 25.61 10.25
C GLN A 54 -6.11 26.69 11.14
N LYS A 55 -4.78 26.77 11.19
N LYS A 55 -4.78 26.75 11.21
CA LYS A 55 -4.14 27.88 11.88
CA LYS A 55 -4.10 27.86 11.84
C LYS A 55 -4.55 29.20 11.25
C LYS A 55 -4.55 29.19 11.25
N GLU A 56 -4.48 29.31 9.93
CA GLU A 56 -4.88 30.56 9.29
C GLU A 56 -6.36 30.86 9.55
N LYS A 57 -7.21 29.84 9.55
CA LYS A 57 -8.62 30.07 9.80
C LYS A 57 -8.83 30.64 11.21
N GLU A 58 -8.13 30.10 12.21
CA GLU A 58 -8.29 30.60 13.57
C GLU A 58 -7.73 32.01 13.71
N ARG A 59 -6.59 32.28 13.05
CA ARG A 59 -6.07 33.64 12.99
C ARG A 59 -7.14 34.60 12.49
N LEU A 60 -7.76 34.27 11.36
CA LEU A 60 -8.71 35.20 10.76
C LEU A 60 -9.95 35.35 11.60
N GLU A 61 -10.41 34.27 12.22
CA GLU A 61 -11.56 34.35 13.10
C GLU A 61 -11.24 35.30 14.26
N PHE A 62 -10.02 35.23 14.78
CA PHE A 62 -9.61 36.14 15.85
C PHE A 62 -9.65 37.57 15.37
N VAL A 63 -9.09 37.83 14.19
CA VAL A 63 -9.14 39.18 13.64
C VAL A 63 -10.59 39.67 13.59
N LEU A 64 -11.50 38.81 13.16
CA LEU A 64 -12.87 39.25 12.91
C LEU A 64 -13.70 39.42 14.19
N VAL A 65 -13.37 38.71 15.28
CA VAL A 65 -13.94 39.05 16.57
C VAL A 65 -13.22 40.25 17.17
N ALA A 66 -11.93 40.42 16.85
CA ALA A 66 -11.09 41.56 17.29
C ALA A 66 -10.66 41.41 18.74
N SER B 1 7.23 -51.28 0.21
CA SER B 1 8.29 -50.69 -0.60
C SER B 1 8.85 -49.44 0.07
N GLN B 2 10.06 -49.58 0.63
CA GLN B 2 10.68 -48.44 1.31
C GLN B 2 10.91 -47.30 0.33
N GLU B 3 11.16 -47.65 -0.93
CA GLU B 3 11.44 -46.68 -1.97
C GLU B 3 10.19 -45.84 -2.29
N ARG B 4 9.06 -46.52 -2.44
CA ARG B 4 7.78 -45.86 -2.68
C ARG B 4 7.42 -44.92 -1.54
N ILE B 5 7.59 -45.41 -0.31
CA ILE B 5 7.36 -44.61 0.88
C ILE B 5 8.24 -43.38 0.85
N LYS B 6 9.54 -43.58 0.66
CA LYS B 6 10.47 -42.46 0.75
C LYS B 6 10.05 -41.38 -0.26
N ALA B 7 9.80 -41.81 -1.50
CA ALA B 7 9.48 -40.84 -2.56
C ALA B 7 8.20 -40.07 -2.23
N GLU B 8 7.17 -40.78 -1.75
CA GLU B 8 5.89 -40.08 -1.56
C GLU B 8 5.96 -39.13 -0.38
N ARG B 9 6.66 -39.53 0.68
CA ARG B 9 6.85 -38.64 1.82
C ARG B 9 7.61 -37.39 1.41
N LYS B 10 8.63 -37.56 0.57
CA LYS B 10 9.39 -36.37 0.16
C LYS B 10 8.51 -35.42 -0.62
N ARG B 11 7.74 -35.95 -1.57
CA ARG B 11 6.90 -35.06 -2.35
C ARG B 11 5.88 -34.38 -1.47
N LEU B 12 5.34 -35.09 -0.48
CA LEU B 12 4.30 -34.49 0.34
C LEU B 12 4.86 -33.40 1.25
N ARG B 13 5.98 -33.65 1.92
CA ARG B 13 6.65 -32.59 2.66
C ARG B 13 6.82 -31.35 1.78
N ASN B 14 7.35 -31.56 0.56
CA ASN B 14 7.52 -30.44 -0.37
C ASN B 14 6.21 -29.74 -0.68
N ARG B 15 5.09 -30.48 -0.72
CA ARG B 15 3.82 -29.83 -1.03
C ARG B 15 3.30 -29.02 0.14
N ILE B 16 3.49 -29.51 1.37
CA ILE B 16 3.17 -28.70 2.54
C ILE B 16 3.96 -27.40 2.50
N ALA B 17 5.28 -27.53 2.35
CA ALA B 17 6.13 -26.35 2.32
C ALA B 17 5.63 -25.36 1.27
N ALA B 18 5.31 -25.86 0.08
CA ALA B 18 4.76 -25.01 -0.98
C ALA B 18 3.50 -24.29 -0.53
N SER B 19 2.49 -25.05 -0.08
CA SER B 19 1.18 -24.46 0.21
C SER B 19 1.25 -23.46 1.35
N LYS B 20 2.08 -23.73 2.37
CA LYS B 20 2.24 -22.77 3.46
C LYS B 20 2.94 -21.51 2.95
N CYS B 21 3.91 -21.66 2.04
CA CYS B 21 4.54 -20.48 1.48
C CYS B 21 3.54 -19.68 0.64
N ARG B 22 2.66 -20.36 -0.09
CA ARG B 22 1.64 -19.67 -0.87
C ARG B 22 0.69 -18.90 0.04
N LYS B 23 0.32 -19.52 1.16
CA LYS B 23 -0.56 -18.83 2.11
C LYS B 23 0.10 -17.55 2.57
N ARG B 24 1.38 -17.62 2.93
CA ARG B 24 2.12 -16.44 3.38
C ARG B 24 2.14 -15.36 2.30
N LYS B 25 2.48 -15.74 1.07
CA LYS B 25 2.49 -14.78 -0.03
C LYS B 25 1.14 -14.12 -0.21
N LEU B 26 0.06 -14.91 -0.30
CA LEU B 26 -1.22 -14.26 -0.58
C LEU B 26 -1.63 -13.36 0.56
N GLU B 27 -1.29 -13.73 1.80
CA GLU B 27 -1.67 -12.89 2.92
C GLU B 27 -0.95 -11.56 2.86
N ARG B 28 0.33 -11.58 2.48
CA ARG B 28 1.08 -10.34 2.35
C ARG B 28 0.49 -9.48 1.25
N ILE B 29 0.12 -10.09 0.14
CA ILE B 29 -0.48 -9.30 -0.94
C ILE B 29 -1.78 -8.66 -0.46
N SER B 30 -2.59 -9.43 0.27
CA SER B 30 -3.88 -8.94 0.71
C SER B 30 -3.74 -7.78 1.69
N ARG B 31 -2.78 -7.87 2.60
CA ARG B 31 -2.54 -6.75 3.50
C ARG B 31 -2.12 -5.50 2.74
N LEU B 32 -1.23 -5.64 1.76
CA LEU B 32 -0.87 -4.48 0.92
C LEU B 32 -2.07 -3.90 0.18
N GLU B 33 -2.93 -4.76 -0.37
CA GLU B 33 -4.12 -4.28 -1.08
C GLU B 33 -5.04 -3.51 -0.13
N GLU B 34 -5.21 -4.03 1.08
CA GLU B 34 -6.08 -3.38 2.05
C GLU B 34 -5.49 -2.05 2.48
N LYS B 35 -4.17 -1.99 2.64
CA LYS B 35 -3.53 -0.75 3.04
C LYS B 35 -3.66 0.31 1.97
N VAL B 36 -3.56 -0.07 0.69
CA VAL B 36 -3.78 0.90 -0.37
C VAL B 36 -5.20 1.43 -0.31
N LYS B 37 -6.16 0.53 -0.10
CA LYS B 37 -7.57 0.94 -0.06
C LYS B 37 -7.83 1.88 1.12
N THR B 38 -7.29 1.53 2.29
CA THR B 38 -7.43 2.36 3.48
C THR B 38 -6.89 3.75 3.22
N LEU B 39 -5.69 3.82 2.64
CA LEU B 39 -5.04 5.10 2.42
C LEU B 39 -5.80 5.92 1.41
N LYS B 40 -6.32 5.31 0.36
CA LYS B 40 -7.12 6.10 -0.56
C LYS B 40 -8.34 6.69 0.15
N SER B 41 -8.97 5.90 1.02
N SER B 41 -8.95 5.91 1.05
CA SER B 41 -10.13 6.43 1.73
CA SER B 41 -10.14 6.43 1.74
C SER B 41 -9.75 7.54 2.70
C SER B 41 -9.75 7.54 2.73
N GLN B 42 -8.65 7.35 3.45
CA GLN B 42 -8.21 8.38 4.38
C GLN B 42 -7.89 9.66 3.66
N ASN B 43 -7.25 9.55 2.49
CA ASN B 43 -6.83 10.72 1.77
C ASN B 43 -7.98 11.39 1.09
N THR B 44 -9.02 10.64 0.72
CA THR B 44 -10.27 11.27 0.28
C THR B 44 -10.89 12.11 1.39
N GLU B 45 -10.92 11.59 2.61
CA GLU B 45 -11.46 12.41 3.69
C GLU B 45 -10.60 13.66 3.90
N LEU B 46 -9.28 13.49 3.91
CA LEU B 46 -8.41 14.64 4.16
C LEU B 46 -8.51 15.67 3.04
N ALA B 47 -8.61 15.21 1.80
CA ALA B 47 -8.67 16.15 0.69
C ALA B 47 -9.97 16.93 0.73
N SER B 48 -11.07 16.31 1.16
CA SER B 48 -12.29 17.08 1.27
C SER B 48 -12.20 18.09 2.41
N THR B 49 -11.62 17.68 3.54
CA THR B 49 -11.39 18.61 4.63
C THR B 49 -10.53 19.79 4.19
N ALA B 50 -9.43 19.51 3.52
CA ALA B 50 -8.56 20.58 3.04
C ALA B 50 -9.26 21.52 2.08
N SER B 51 -10.10 21.01 1.17
CA SER B 51 -10.72 21.92 0.20
C SER B 51 -11.81 22.77 0.88
N LEU B 52 -12.53 22.16 1.82
CA LEU B 52 -13.42 22.94 2.66
C LEU B 52 -12.69 24.07 3.35
N LEU B 53 -11.55 23.76 3.96
CA LEU B 53 -10.84 24.79 4.70
C LEU B 53 -10.35 25.88 3.77
N ARG B 54 -9.86 25.52 2.58
CA ARG B 54 -9.38 26.55 1.67
C ARG B 54 -10.52 27.50 1.31
N GLU B 55 -11.71 26.95 1.08
CA GLU B 55 -12.86 27.80 0.80
C GLU B 55 -13.23 28.67 2.00
N GLN B 56 -13.21 28.10 3.21
CA GLN B 56 -13.57 28.89 4.38
C GLN B 56 -12.58 30.00 4.63
N VAL B 57 -11.29 29.70 4.59
CA VAL B 57 -10.28 30.74 4.75
C VAL B 57 -10.52 31.83 3.72
N ALA B 58 -10.82 31.46 2.49
CA ALA B 58 -10.98 32.49 1.46
C ALA B 58 -12.18 33.38 1.78
N GLN B 59 -13.24 32.81 2.34
CA GLN B 59 -14.38 33.63 2.75
C GLN B 59 -14.04 34.55 3.92
N LEU B 60 -13.30 34.04 4.89
CA LEU B 60 -12.90 34.89 6.01
C LEU B 60 -12.04 36.04 5.53
N LYS B 61 -11.13 35.79 4.61
CA LYS B 61 -10.31 36.86 4.08
C LYS B 61 -11.15 37.91 3.40
N GLN B 62 -12.20 37.50 2.69
CA GLN B 62 -13.08 38.53 2.13
C GLN B 62 -13.76 39.35 3.24
N LYS B 63 -14.14 38.70 4.35
CA LYS B 63 -14.76 39.47 5.44
C LYS B 63 -13.78 40.49 6.04
N VAL B 64 -12.55 40.08 6.26
CA VAL B 64 -11.52 41.02 6.71
C VAL B 64 -11.48 42.20 5.75
N LEU B 65 -11.39 41.93 4.45
CA LEU B 65 -11.30 43.02 3.48
C LEU B 65 -12.50 43.95 3.58
N SER B 66 -13.67 43.40 3.93
CA SER B 66 -14.89 44.21 4.03
C SER B 66 -14.78 45.33 5.06
N HIS B 67 -13.74 45.35 5.89
CA HIS B 67 -13.62 46.34 6.95
C HIS B 67 -12.42 47.24 6.81
N VAL B 68 -11.63 47.11 5.74
CA VAL B 68 -10.46 47.94 5.57
C VAL B 68 -10.71 48.99 4.50
CL CL C . 7.65 -15.33 -3.83
CL CL D . 11.60 -9.92 -1.88
CL CL E . -2.88 29.60 4.16
C1 EOH F . -0.78 35.46 4.04
C2 EOH F . -2.24 35.82 4.37
O EOH F . 0.14 35.72 5.10
H11 EOH F . -0.48 36.03 3.16
H12 EOH F . -0.72 34.41 3.78
H21 EOH F . -2.33 36.89 4.50
H22 EOH F . -2.53 35.31 5.28
H23 EOH F . -2.88 35.49 3.56
HO EOH F . 0.07 35.03 5.79
NA NA G . -13.64 8.25 2.34
#